data_7BKN
#
_entry.id   7BKN
#
_cell.length_a   44.640
_cell.length_b   65.057
_cell.length_c   53.950
_cell.angle_alpha   90.000
_cell.angle_beta   102.810
_cell.angle_gamma   90.000
#
_symmetry.space_group_name_H-M   'P 1 21 1'
#
loop_
_entity.id
_entity.type
_entity.pdbx_description
1 polymer 'Serine/threonine-protein kinase Chk1'
2 non-polymer ADENINE
3 non-polymer 'SULFATE ION'
4 water water
#
_entity_poly.entity_id   1
_entity_poly.type   'polypeptide(L)'
_entity_poly.pdbx_seq_one_letter_code
;MAVPFVEDWDLVQTLGEGAYGEVQLAVNRVTEEAVAVKIVDMKRAVDCPENIKKEICINKMLNHENVVKFYGHRREGNIQ
YLFLEYCSGGELFDRIEPDIGMPEPDAQRFFHQLMAGVVYLHGIGITHRDIKPENLLLDERDNLKISDFGLATVFRYNNR
ERLLNKMCGTLPYVAPELLKRREFHAEPVDVWSCGIVLTAMLAGELPWDQPSDSCQEYSDWKEKKTYLNPWKKIDSAPLA
LLHKILVENPSARITIPDIKKDRWYNKPLKKGAKRPRVTSGGVSESPSGHHHHHHHH
;
_entity_poly.pdbx_strand_id   A
#
loop_
_chem_comp.id
_chem_comp.type
_chem_comp.name
_chem_comp.formula
ADE non-polymer ADENINE 'C5 H5 N5'
SO4 non-polymer 'SULFATE ION' 'O4 S -2'
#
# COMPACT_ATOMS: atom_id res chain seq x y z
N GLU A 7 13.98 21.78 -17.88
CA GLU A 7 13.02 20.65 -17.62
C GLU A 7 12.76 19.89 -18.92
N ASP A 8 13.82 19.59 -19.68
CA ASP A 8 13.78 18.59 -20.78
C ASP A 8 14.51 17.32 -20.29
N TRP A 9 13.71 16.36 -19.83
CA TRP A 9 14.20 15.14 -19.15
C TRP A 9 14.43 14.08 -20.22
N ASP A 10 15.46 13.25 -20.05
CA ASP A 10 15.68 12.04 -20.87
C ASP A 10 15.08 10.83 -20.14
N LEU A 11 14.21 10.08 -20.81
CA LEU A 11 13.63 8.82 -20.27
C LEU A 11 14.71 7.76 -20.35
N VAL A 12 14.97 7.05 -19.26
CA VAL A 12 16.10 6.08 -19.19
C VAL A 12 15.56 4.67 -19.02
N GLN A 13 15.42 4.19 -17.79
CA GLN A 13 15.03 2.80 -17.53
C GLN A 13 13.53 2.79 -17.29
N THR A 14 12.89 1.69 -17.62
CA THR A 14 11.46 1.44 -17.35
C THR A 14 11.36 0.94 -15.90
N LEU A 15 10.60 1.62 -15.06
CA LEU A 15 10.53 1.29 -13.61
C LEU A 15 9.38 0.32 -13.35
N GLY A 16 8.42 0.22 -14.28
CA GLY A 16 7.35 -0.79 -14.24
C GLY A 16 6.00 -0.24 -14.66
N GLU A 17 5.04 -1.12 -14.88
CA GLU A 17 3.65 -0.74 -15.28
C GLU A 17 2.67 -1.60 -14.47
N GLY A 18 1.92 -0.99 -13.55
CA GLY A 18 0.91 -1.69 -12.75
C GLY A 18 -0.20 -2.22 -13.63
N ALA A 19 -0.76 -1.36 -14.47
CA ALA A 19 -1.89 -1.62 -15.39
C ALA A 19 -2.17 -0.36 -16.23
N TYR A 20 -2.38 0.76 -15.56
CA TYR A 20 -2.75 2.07 -16.17
C TYR A 20 -1.70 2.50 -17.21
N GLY A 21 -0.42 2.54 -16.83
CA GLY A 21 0.62 3.12 -17.69
C GLY A 21 2.03 2.66 -17.33
N GLU A 22 3.01 3.05 -18.13
CA GLU A 22 4.45 2.74 -17.90
C GLU A 22 5.08 3.89 -17.10
N VAL A 23 5.92 3.57 -16.13
CA VAL A 23 6.73 4.58 -15.38
C VAL A 23 8.15 4.48 -15.92
N GLN A 24 8.73 5.62 -16.28
CA GLN A 24 10.16 5.71 -16.61
C GLN A 24 10.87 6.49 -15.50
N LEU A 25 12.11 6.13 -15.22
CA LEU A 25 13.11 7.07 -14.64
C LEU A 25 13.31 8.15 -15.71
N ALA A 26 13.32 9.41 -15.31
CA ALA A 26 13.73 10.53 -16.17
C ALA A 26 14.79 11.34 -15.42
N VAL A 27 15.95 11.53 -16.03
CA VAL A 27 17.00 12.43 -15.44
C VAL A 27 16.93 13.74 -16.21
N ASN A 28 17.12 14.84 -15.50
CA ASN A 28 17.08 16.19 -16.11
C ASN A 28 18.41 16.45 -16.83
N ARG A 29 18.35 16.95 -18.06
CA ARG A 29 19.56 17.15 -18.90
C ARG A 29 20.57 18.01 -18.13
N VAL A 30 20.12 19.15 -17.58
CA VAL A 30 21.00 20.25 -17.08
C VAL A 30 21.28 20.10 -15.57
N THR A 31 20.27 20.00 -14.70
CA THR A 31 20.47 19.92 -13.21
C THR A 31 20.75 18.47 -12.79
N GLU A 32 20.23 17.49 -13.54
CA GLU A 32 20.43 16.04 -13.30
C GLU A 32 19.45 15.52 -12.24
N GLU A 33 18.56 16.37 -11.74
CA GLU A 33 17.44 15.94 -10.85
C GLU A 33 16.80 14.70 -11.50
N ALA A 34 16.88 13.55 -10.83
CA ALA A 34 16.22 12.30 -11.23
C ALA A 34 14.72 12.38 -10.89
N VAL A 35 13.82 12.06 -11.83
CA VAL A 35 12.36 11.89 -11.51
C VAL A 35 11.78 10.64 -12.17
N ALA A 36 10.55 10.30 -11.78
CA ALA A 36 9.74 9.20 -12.35
C ALA A 36 8.60 9.81 -13.15
N VAL A 37 8.50 9.44 -14.42
CA VAL A 37 7.41 9.91 -15.30
C VAL A 37 6.51 8.72 -15.54
N LYS A 38 5.28 8.78 -15.02
CA LYS A 38 4.23 7.79 -15.38
C LYS A 38 3.70 8.23 -16.73
N ILE A 39 3.33 7.29 -17.60
CA ILE A 39 2.92 7.58 -19.00
C ILE A 39 1.65 6.79 -19.32
N VAL A 40 0.60 7.47 -19.79
CA VAL A 40 -0.74 6.83 -20.00
C VAL A 40 -1.34 7.29 -21.34
N ASP A 41 -1.64 6.32 -22.21
CA ASP A 41 -2.25 6.55 -23.55
C ASP A 41 -3.78 6.47 -23.45
N MET A 42 -4.43 7.63 -23.54
CA MET A 42 -5.85 7.82 -23.18
C MET A 42 -6.78 7.15 -24.21
N LYS A 43 -6.21 6.54 -25.26
CA LYS A 43 -6.94 5.61 -26.17
C LYS A 43 -6.48 4.18 -25.90
N ARG A 44 -5.29 3.80 -26.38
CA ARG A 44 -4.72 2.43 -26.28
C ARG A 44 -4.17 2.19 -24.87
N ASN A 51 -11.08 8.35 -13.55
CA ASN A 51 -10.27 7.14 -13.27
C ASN A 51 -8.79 7.50 -13.41
N ILE A 52 -8.43 8.28 -14.42
CA ILE A 52 -7.02 8.72 -14.65
C ILE A 52 -6.95 10.23 -14.46
N LYS A 53 -8.08 10.91 -14.56
CA LYS A 53 -8.18 12.36 -14.28
C LYS A 53 -8.17 12.49 -12.76
N LYS A 54 -8.80 11.49 -12.14
CA LYS A 54 -8.95 11.33 -10.68
C LYS A 54 -7.57 11.07 -10.03
N GLU A 55 -6.68 10.33 -10.69
CA GLU A 55 -5.35 10.07 -10.10
C GLU A 55 -4.63 11.41 -10.02
N ILE A 56 -4.65 12.19 -11.10
CA ILE A 56 -3.98 13.53 -11.09
C ILE A 56 -4.55 14.27 -9.89
N CYS A 57 -5.87 14.37 -9.84
CA CYS A 57 -6.60 15.25 -8.91
C CYS A 57 -6.26 14.86 -7.48
N ILE A 58 -6.31 13.57 -7.17
CA ILE A 58 -5.92 13.06 -5.82
C ILE A 58 -4.46 13.43 -5.58
N ASN A 59 -3.57 13.24 -6.55
CA ASN A 59 -2.12 13.53 -6.36
C ASN A 59 -1.95 15.02 -6.07
N LYS A 60 -2.84 15.87 -6.58
CA LYS A 60 -2.74 17.32 -6.32
C LYS A 60 -2.95 17.60 -4.83
N MET A 61 -3.84 16.86 -4.16
CA MET A 61 -4.15 17.07 -2.74
C MET A 61 -2.99 16.64 -1.83
N LEU A 62 -2.23 15.62 -2.24
CA LEU A 62 -1.31 14.88 -1.34
C LEU A 62 -0.05 15.67 -0.96
N ASN A 63 0.40 15.52 0.28
CA ASN A 63 1.65 16.13 0.81
C ASN A 63 2.09 15.47 2.11
N HIS A 64 2.80 14.36 2.04
CA HIS A 64 3.33 13.69 3.25
C HIS A 64 4.68 13.08 2.90
N GLU A 65 5.52 12.77 3.90
CA GLU A 65 6.87 12.22 3.66
C GLU A 65 6.79 10.73 3.39
N ASN A 66 5.60 10.13 3.50
CA ASN A 66 5.35 8.68 3.26
C ASN A 66 4.50 8.50 2.01
N VAL A 67 4.09 9.58 1.35
CA VAL A 67 3.40 9.49 0.05
C VAL A 67 4.42 9.94 -0.98
N VAL A 68 4.43 9.29 -2.15
CA VAL A 68 5.27 9.71 -3.31
C VAL A 68 4.88 11.14 -3.69
N LYS A 69 5.85 12.07 -3.64
CA LYS A 69 5.63 13.52 -3.95
C LYS A 69 5.25 13.65 -5.43
N PHE A 70 4.07 14.20 -5.69
CA PHE A 70 3.60 14.63 -7.03
C PHE A 70 4.29 15.94 -7.39
N TYR A 71 4.79 16.07 -8.61
CA TYR A 71 5.53 17.28 -9.04
C TYR A 71 4.70 18.05 -10.07
N GLY A 72 3.97 17.35 -10.94
CA GLY A 72 3.09 18.00 -11.92
C GLY A 72 2.71 17.05 -13.03
N HIS A 73 2.18 17.61 -14.11
CA HIS A 73 1.70 16.85 -15.28
C HIS A 73 1.64 17.80 -16.47
N ARG A 74 1.94 17.30 -17.66
CA ARG A 74 1.61 17.97 -18.94
C ARG A 74 0.92 16.94 -19.83
N ARG A 75 -0.17 17.30 -20.50
CA ARG A 75 -0.87 16.36 -21.42
C ARG A 75 0.06 16.11 -22.62
N GLU A 76 0.25 17.10 -23.48
CA GLU A 76 1.04 16.96 -24.73
C GLU A 76 0.57 15.71 -25.50
N GLY A 77 -0.67 15.74 -25.99
CA GLY A 77 -1.20 14.78 -26.99
C GLY A 77 -2.06 13.70 -26.38
N ASN A 78 -2.05 12.52 -27.01
CA ASN A 78 -2.82 11.31 -26.62
C ASN A 78 -2.32 10.79 -25.27
N ILE A 79 -1.02 10.95 -25.03
CA ILE A 79 -0.29 10.50 -23.81
C ILE A 79 -0.64 11.43 -22.65
N GLN A 80 -0.49 10.95 -21.41
CA GLN A 80 -0.58 11.79 -20.21
C GLN A 80 0.67 11.50 -19.41
N TYR A 81 1.39 12.53 -18.98
CA TYR A 81 2.67 12.38 -18.26
C TYR A 81 2.47 12.83 -16.82
N LEU A 82 2.75 11.94 -15.86
CA LEU A 82 2.74 12.32 -14.42
C LEU A 82 4.20 12.40 -13.98
N PHE A 83 4.53 13.47 -13.28
CA PHE A 83 5.89 13.72 -12.78
C PHE A 83 5.84 13.45 -11.29
N LEU A 84 6.50 12.37 -10.88
CA LEU A 84 6.39 11.85 -9.50
C LEU A 84 7.80 11.75 -8.91
N GLU A 85 7.86 11.72 -7.58
CA GLU A 85 9.12 11.60 -6.78
C GLU A 85 9.86 10.34 -7.26
N TYR A 86 11.15 10.26 -6.98
CA TYR A 86 11.96 9.09 -7.41
C TYR A 86 12.41 8.31 -6.18
N CYS A 87 12.08 7.03 -6.17
CA CYS A 87 12.48 6.17 -5.06
C CYS A 87 13.60 5.27 -5.59
N SER A 88 14.83 5.74 -5.42
CA SER A 88 16.09 5.05 -5.85
C SER A 88 16.12 3.67 -5.21
N GLY A 89 15.49 3.53 -4.04
CA GLY A 89 15.41 2.26 -3.29
C GLY A 89 14.48 1.23 -3.91
N GLY A 90 13.59 1.62 -4.84
CA GLY A 90 12.64 0.68 -5.48
C GLY A 90 11.60 0.14 -4.52
N GLU A 91 10.89 -0.90 -4.94
CA GLU A 91 9.69 -1.42 -4.24
C GLU A 91 10.14 -2.13 -2.96
N LEU A 92 9.30 -2.13 -1.92
CA LEU A 92 9.50 -2.99 -0.73
C LEU A 92 9.32 -4.46 -1.13
N PHE A 93 8.70 -4.75 -2.27
CA PHE A 93 8.58 -6.14 -2.78
C PHE A 93 9.94 -6.86 -2.72
N ASP A 94 11.04 -6.15 -2.95
CA ASP A 94 12.38 -6.77 -3.21
C ASP A 94 13.19 -6.87 -1.91
N ARG A 95 12.73 -6.25 -0.82
CA ARG A 95 13.39 -6.37 0.51
C ARG A 95 12.82 -7.61 1.19
N ILE A 96 11.75 -8.17 0.64
CA ILE A 96 11.14 -9.40 1.19
C ILE A 96 11.79 -10.59 0.49
N GLU A 97 12.63 -11.35 1.20
CA GLU A 97 13.17 -12.66 0.74
C GLU A 97 12.01 -13.66 0.71
N PRO A 98 11.72 -14.41 -0.43
CA PRO A 98 10.60 -15.35 -0.58
C PRO A 98 10.76 -16.45 0.46
N ASP A 99 9.70 -16.74 1.25
CA ASP A 99 9.61 -17.75 2.35
C ASP A 99 10.37 -17.35 3.63
N ILE A 100 10.99 -16.18 3.74
CA ILE A 100 11.67 -15.83 5.03
C ILE A 100 11.37 -14.39 5.43
N GLY A 101 11.25 -13.47 4.49
CA GLY A 101 10.82 -12.11 4.80
C GLY A 101 11.99 -11.16 4.98
N MET A 102 12.08 -10.52 6.13
CA MET A 102 13.14 -9.55 6.39
C MET A 102 13.26 -9.42 7.90
N PRO A 103 14.36 -8.86 8.39
CA PRO A 103 14.56 -8.74 9.83
C PRO A 103 13.39 -7.94 10.43
N GLU A 104 12.91 -8.37 11.61
CA GLU A 104 11.74 -7.86 12.38
C GLU A 104 11.96 -6.38 12.69
N PRO A 105 13.17 -5.90 13.09
CA PRO A 105 13.39 -4.46 13.27
C PRO A 105 13.10 -3.57 12.04
N ASP A 106 13.42 -4.01 10.82
CA ASP A 106 13.08 -3.26 9.59
C ASP A 106 11.60 -3.45 9.23
N ALA A 107 11.04 -4.63 9.44
CA ALA A 107 9.61 -4.86 9.14
C ALA A 107 8.86 -3.75 9.84
N GLN A 108 9.07 -3.64 11.15
CA GLN A 108 8.39 -2.65 12.03
C GLN A 108 8.56 -1.24 11.43
N ARG A 109 9.80 -0.85 11.16
CA ARG A 109 10.10 0.52 10.67
C ARG A 109 9.21 0.85 9.48
N PHE A 110 9.12 -0.03 8.50
CA PHE A 110 8.33 0.23 7.28
C PHE A 110 6.85 0.32 7.64
N PHE A 111 6.40 -0.48 8.61
CA PHE A 111 5.01 -0.46 9.12
C PHE A 111 4.71 0.86 9.85
N HIS A 112 5.65 1.35 10.65
CA HIS A 112 5.52 2.72 11.21
C HIS A 112 5.28 3.74 10.09
N GLN A 113 5.95 3.60 8.94
CA GLN A 113 5.88 4.62 7.86
C GLN A 113 4.63 4.39 6.99
N LEU A 114 4.33 3.13 6.72
CA LEU A 114 3.02 2.73 6.14
C LEU A 114 1.93 3.32 7.04
N MET A 115 1.94 3.00 8.33
CA MET A 115 0.89 3.53 9.23
C MET A 115 0.87 5.06 9.18
N ALA A 116 2.02 5.70 9.31
CA ALA A 116 2.16 7.17 9.16
C ALA A 116 1.42 7.56 7.87
N GLY A 117 1.89 7.01 6.75
CA GLY A 117 1.39 7.38 5.42
C GLY A 117 -0.13 7.29 5.39
N VAL A 118 -0.66 6.15 5.80
CA VAL A 118 -2.10 5.81 5.68
C VAL A 118 -2.88 6.72 6.65
N VAL A 119 -2.37 6.98 7.84
CA VAL A 119 -3.09 7.88 8.77
C VAL A 119 -3.40 9.13 7.95
N TYR A 120 -2.34 9.71 7.38
CA TYR A 120 -2.37 10.98 6.61
C TYR A 120 -3.47 10.93 5.56
N LEU A 121 -3.44 9.98 4.62
CA LEU A 121 -4.48 9.91 3.58
C LEU A 121 -5.82 9.84 4.29
N HIS A 122 -6.00 8.86 5.17
CA HIS A 122 -7.29 8.57 5.83
C HIS A 122 -7.77 9.82 6.55
N GLY A 123 -6.84 10.57 7.13
CA GLY A 123 -7.18 11.86 7.75
C GLY A 123 -7.56 12.92 6.72
N ILE A 124 -7.19 12.79 5.45
CA ILE A 124 -7.63 13.80 4.43
C ILE A 124 -8.67 13.14 3.53
N GLY A 125 -9.43 12.18 4.05
CA GLY A 125 -10.61 11.63 3.35
C GLY A 125 -10.21 10.80 2.14
N ILE A 126 -8.97 10.34 2.07
CA ILE A 126 -8.50 9.61 0.86
C ILE A 126 -8.14 8.20 1.26
N THR A 127 -8.59 7.20 0.49
CA THR A 127 -8.19 5.76 0.64
C THR A 127 -7.50 5.29 -0.64
N HIS A 128 -6.47 4.46 -0.47
CA HIS A 128 -5.52 4.06 -1.54
C HIS A 128 -6.13 2.95 -2.38
N ARG A 129 -6.66 1.93 -1.68
CA ARG A 129 -7.36 0.75 -2.24
C ARG A 129 -6.42 -0.21 -2.98
N ASP A 130 -5.12 -0.03 -2.86
CA ASP A 130 -4.17 -1.08 -3.32
C ASP A 130 -2.86 -0.91 -2.55
N ILE A 131 -2.94 -1.03 -1.24
CA ILE A 131 -1.73 -1.25 -0.42
C ILE A 131 -1.22 -2.66 -0.72
N LYS A 132 -0.01 -2.73 -1.27
CA LYS A 132 0.75 -3.99 -1.51
C LYS A 132 2.22 -3.65 -1.77
N PRO A 133 3.15 -4.53 -1.33
CA PRO A 133 4.59 -4.26 -1.42
C PRO A 133 5.09 -3.64 -2.73
N GLU A 134 4.44 -3.90 -3.87
CA GLU A 134 4.83 -3.32 -5.19
C GLU A 134 4.38 -1.85 -5.26
N ASN A 135 3.57 -1.39 -4.31
CA ASN A 135 3.12 0.01 -4.26
C ASN A 135 3.63 0.64 -2.98
N LEU A 136 4.71 0.10 -2.44
CA LEU A 136 5.43 0.74 -1.31
C LEU A 136 6.88 0.77 -1.76
N LEU A 137 7.34 1.96 -2.09
CA LEU A 137 8.70 2.13 -2.64
C LEU A 137 9.60 2.71 -1.56
N LEU A 138 10.89 2.47 -1.67
CA LEU A 138 11.86 2.95 -0.68
C LEU A 138 12.75 4.00 -1.35
N ASP A 139 13.08 5.08 -0.66
CA ASP A 139 13.95 6.14 -1.22
C ASP A 139 15.39 5.89 -0.81
N GLU A 140 16.22 6.92 -0.90
CA GLU A 140 17.67 6.96 -0.60
C GLU A 140 17.94 6.68 0.88
N ARG A 141 17.25 7.36 1.80
CA ARG A 141 17.43 7.11 3.25
C ARG A 141 16.47 5.99 3.67
N ASP A 142 16.16 5.06 2.76
CA ASP A 142 15.31 3.85 3.00
C ASP A 142 13.96 4.20 3.61
N ASN A 143 13.36 5.31 3.21
CA ASN A 143 12.03 5.69 3.72
C ASN A 143 10.98 5.18 2.75
N LEU A 144 9.94 4.58 3.30
CA LEU A 144 8.78 3.99 2.59
C LEU A 144 7.87 5.10 2.08
N LYS A 145 7.43 4.98 0.84
CA LYS A 145 6.50 5.95 0.23
C LYS A 145 5.30 5.13 -0.26
N ILE A 146 4.11 5.68 -0.12
CA ILE A 146 2.89 5.08 -0.73
C ILE A 146 2.80 5.65 -2.15
N SER A 147 2.68 4.80 -3.15
CA SER A 147 2.65 5.20 -4.57
C SER A 147 1.37 4.69 -5.23
N ASP A 148 1.21 5.03 -6.52
CA ASP A 148 0.12 4.67 -7.46
C ASP A 148 -1.26 5.06 -6.91
N PHE A 149 -1.79 6.19 -7.32
CA PHE A 149 -3.12 6.61 -6.82
C PHE A 149 -4.17 6.32 -7.89
N GLY A 150 -3.88 5.39 -8.79
CA GLY A 150 -4.80 5.01 -9.87
C GLY A 150 -6.11 4.53 -9.28
N LEU A 151 -6.06 3.69 -8.25
CA LEU A 151 -7.28 3.10 -7.65
C LEU A 151 -7.68 3.88 -6.40
N ALA A 152 -7.12 5.08 -6.16
CA ALA A 152 -7.45 5.87 -4.95
C ALA A 152 -8.81 6.52 -5.18
N THR A 153 -9.41 7.03 -4.10
CA THR A 153 -10.78 7.61 -4.08
C THR A 153 -11.03 8.27 -2.74
N VAL A 154 -11.85 9.33 -2.77
CA VAL A 154 -12.34 10.06 -1.58
C VAL A 154 -13.43 9.20 -0.93
N PHE A 155 -13.35 8.97 0.37
CA PHE A 155 -14.41 8.22 1.10
C PHE A 155 -15.05 9.18 2.11
N ARG A 156 -14.32 10.19 2.57
CA ARG A 156 -14.90 11.23 3.45
C ARG A 156 -14.70 12.57 2.76
N TYR A 157 -15.74 13.39 2.73
CA TYR A 157 -15.77 14.72 2.08
C TYR A 157 -16.88 15.55 2.71
N ASN A 158 -16.59 16.82 2.99
CA ASN A 158 -17.45 17.77 3.75
C ASN A 158 -17.78 17.12 5.10
N ASN A 159 -16.85 16.31 5.60
CA ASN A 159 -16.94 15.56 6.87
C ASN A 159 -18.11 14.56 6.84
N ARG A 160 -18.64 14.29 5.65
CA ARG A 160 -19.52 13.13 5.41
C ARG A 160 -18.68 11.96 4.91
N GLU A 161 -18.82 10.79 5.52
CA GLU A 161 -18.16 9.55 5.03
C GLU A 161 -19.11 8.88 4.02
N ARG A 162 -18.60 8.50 2.86
CA ARG A 162 -19.35 7.74 1.83
C ARG A 162 -18.83 6.31 1.84
N LEU A 163 -19.69 5.33 1.59
CA LEU A 163 -19.24 3.94 1.47
C LEU A 163 -18.84 3.70 0.02
N LEU A 164 -17.77 2.94 -0.18
CA LEU A 164 -17.37 2.41 -1.51
C LEU A 164 -18.17 1.12 -1.71
N ASN A 165 -18.43 0.78 -2.97
CA ASN A 165 -19.10 -0.48 -3.34
C ASN A 165 -18.36 -1.09 -4.52
N LYS A 166 -17.65 -0.27 -5.29
CA LYS A 166 -16.85 -0.71 -6.43
C LYS A 166 -15.74 -1.63 -5.90
N MET A 167 -15.63 -2.81 -6.48
CA MET A 167 -14.61 -3.81 -6.08
C MET A 167 -13.34 -3.52 -6.84
N CYS A 168 -12.22 -3.30 -6.17
CA CYS A 168 -10.91 -3.23 -6.85
C CYS A 168 -9.80 -3.53 -5.87
N GLY A 169 -8.66 -3.99 -6.39
CA GLY A 169 -7.47 -4.25 -5.59
C GLY A 169 -6.66 -5.37 -6.18
N THR A 170 -5.98 -6.11 -5.31
CA THR A 170 -5.18 -7.32 -5.59
C THR A 170 -5.70 -8.36 -4.61
N LEU A 171 -6.28 -9.45 -5.10
CA LEU A 171 -7.04 -10.44 -4.27
C LEU A 171 -6.28 -10.71 -2.96
N PRO A 172 -4.99 -11.16 -2.93
CA PRO A 172 -4.40 -11.56 -1.65
C PRO A 172 -4.34 -10.45 -0.59
N TYR A 173 -4.38 -9.17 -0.97
CA TYR A 173 -4.31 -7.99 -0.05
C TYR A 173 -5.69 -7.47 0.35
N VAL A 174 -6.72 -7.81 -0.42
CA VAL A 174 -8.11 -7.28 -0.26
C VAL A 174 -8.75 -7.80 1.03
N ALA A 175 -9.68 -7.04 1.60
CA ALA A 175 -10.36 -7.42 2.84
C ALA A 175 -11.56 -8.28 2.45
N PRO A 176 -12.00 -9.20 3.32
CA PRO A 176 -13.16 -10.03 3.01
C PRO A 176 -14.44 -9.24 2.74
N GLU A 177 -14.73 -8.22 3.55
CA GLU A 177 -15.99 -7.47 3.39
C GLU A 177 -16.18 -7.23 1.89
N LEU A 178 -15.08 -6.94 1.19
CA LEU A 178 -15.09 -6.44 -0.19
C LEU A 178 -15.52 -7.56 -1.16
N LEU A 179 -15.32 -8.81 -0.75
CA LEU A 179 -15.83 -10.00 -1.48
C LEU A 179 -17.27 -10.30 -1.08
N LYS A 180 -17.67 -9.95 0.15
CA LYS A 180 -18.82 -10.61 0.81
C LYS A 180 -19.94 -9.60 1.11
N ARG A 181 -19.66 -8.29 1.06
CA ARG A 181 -20.64 -7.18 1.30
C ARG A 181 -20.78 -6.36 0.01
N ARG A 182 -21.83 -5.54 -0.08
CA ARG A 182 -22.27 -4.80 -1.29
C ARG A 182 -21.75 -3.36 -1.23
N GLU A 183 -21.57 -2.87 -0.01
CA GLU A 183 -20.89 -1.60 0.33
C GLU A 183 -20.11 -1.83 1.63
N PHE A 184 -19.10 -1.01 1.88
CA PHE A 184 -18.18 -1.19 3.03
C PHE A 184 -17.43 0.12 3.28
N HIS A 185 -16.93 0.30 4.50
CA HIS A 185 -16.10 1.46 4.92
C HIS A 185 -14.73 1.31 4.29
N ALA A 186 -14.06 2.44 4.02
CA ALA A 186 -12.80 2.44 3.26
C ALA A 186 -11.60 2.22 4.17
N GLU A 187 -11.67 2.67 5.42
CA GLU A 187 -10.49 2.67 6.31
C GLU A 187 -10.13 1.21 6.57
N PRO A 188 -11.02 0.42 7.19
CA PRO A 188 -10.80 -1.02 7.37
C PRO A 188 -10.26 -1.79 6.17
N VAL A 189 -10.58 -1.40 4.94
CA VAL A 189 -10.07 -2.18 3.77
C VAL A 189 -8.57 -1.97 3.64
N ASP A 190 -8.10 -0.80 4.07
CA ASP A 190 -6.67 -0.41 4.00
C ASP A 190 -5.93 -0.94 5.23
N VAL A 191 -6.56 -1.01 6.39
CA VAL A 191 -5.94 -1.62 7.61
C VAL A 191 -5.64 -3.10 7.30
N TRP A 192 -6.59 -3.83 6.69
CA TRP A 192 -6.43 -5.24 6.24
C TRP A 192 -5.18 -5.37 5.37
N SER A 193 -5.09 -4.64 4.26
CA SER A 193 -3.95 -4.73 3.31
C SER A 193 -2.66 -4.37 4.01
N CYS A 194 -2.69 -3.42 4.94
CA CYS A 194 -1.52 -3.14 5.82
C CYS A 194 -1.13 -4.39 6.64
N GLY A 195 -2.12 -5.13 7.16
CA GLY A 195 -1.90 -6.37 7.94
C GLY A 195 -1.28 -7.44 7.09
N ILE A 196 -1.77 -7.59 5.87
CA ILE A 196 -1.19 -8.53 4.89
C ILE A 196 0.19 -8.03 4.44
N VAL A 197 0.47 -6.74 4.38
CA VAL A 197 1.86 -6.34 4.09
C VAL A 197 2.70 -6.81 5.28
N LEU A 198 2.18 -6.68 6.49
CA LEU A 198 2.99 -7.10 7.65
C LEU A 198 3.25 -8.61 7.55
N THR A 199 2.26 -9.41 7.12
CA THR A 199 2.48 -10.86 7.00
C THR A 199 3.64 -11.11 6.02
N ALA A 200 3.48 -10.64 4.80
CA ALA A 200 4.52 -10.70 3.73
C ALA A 200 5.88 -10.36 4.32
N MET A 201 6.01 -9.22 4.99
CA MET A 201 7.34 -8.72 5.45
C MET A 201 7.96 -9.69 6.48
N LEU A 202 7.14 -10.41 7.26
CA LEU A 202 7.64 -11.13 8.44
C LEU A 202 7.81 -12.60 8.12
N ALA A 203 7.12 -13.09 7.10
CA ALA A 203 7.13 -14.52 6.71
C ALA A 203 7.58 -14.66 5.27
N GLY A 204 7.49 -13.61 4.46
CA GLY A 204 7.92 -13.69 3.05
C GLY A 204 6.96 -14.56 2.26
N GLU A 205 5.75 -14.77 2.77
CA GLU A 205 4.68 -15.55 2.10
C GLU A 205 3.37 -14.78 2.21
N LEU A 206 2.56 -14.75 1.15
CA LEU A 206 1.14 -14.36 1.22
C LEU A 206 0.34 -15.52 1.82
N PRO A 207 -0.56 -15.30 2.80
CA PRO A 207 -1.18 -16.42 3.50
C PRO A 207 -2.27 -17.13 2.69
N TRP A 208 -2.84 -16.48 1.67
CA TRP A 208 -3.99 -17.06 0.91
C TRP A 208 -4.18 -16.33 -0.40
N ASP A 209 -4.84 -17.02 -1.33
CA ASP A 209 -5.16 -16.52 -2.69
C ASP A 209 -5.99 -15.26 -2.48
N GLN A 210 -7.12 -15.41 -1.79
CA GLN A 210 -8.07 -14.32 -1.49
C GLN A 210 -8.85 -14.69 -0.23
N PRO A 211 -9.29 -13.71 0.58
CA PRO A 211 -9.99 -13.98 1.84
C PRO A 211 -11.46 -14.40 1.67
N SER A 212 -11.71 -15.49 0.94
CA SER A 212 -13.06 -16.08 0.72
C SER A 212 -13.26 -17.19 1.73
N ASP A 213 -14.51 -17.53 2.01
CA ASP A 213 -14.85 -18.70 2.86
C ASP A 213 -14.49 -20.00 2.14
N SER A 214 -14.51 -20.00 0.80
CA SER A 214 -14.23 -21.17 -0.06
C SER A 214 -12.76 -21.58 -0.01
N CYS A 215 -11.92 -20.91 0.78
CA CYS A 215 -10.43 -21.01 0.70
C CYS A 215 -9.83 -21.66 1.96
N GLN A 216 -9.08 -22.75 1.77
CA GLN A 216 -8.57 -23.56 2.90
C GLN A 216 -7.75 -22.66 3.80
N GLU A 217 -6.78 -21.95 3.21
CA GLU A 217 -5.71 -21.27 3.97
C GLU A 217 -6.35 -20.19 4.85
N TYR A 218 -7.37 -19.49 4.35
CA TYR A 218 -8.13 -18.48 5.14
C TYR A 218 -8.99 -19.17 6.20
N SER A 219 -9.69 -20.25 5.84
CA SER A 219 -10.57 -20.98 6.78
C SER A 219 -9.75 -21.32 8.02
N ASP A 220 -8.50 -21.76 7.81
CA ASP A 220 -7.50 -22.10 8.85
C ASP A 220 -7.16 -20.85 9.69
N TRP A 221 -7.11 -19.68 9.09
CA TRP A 221 -6.79 -18.44 9.84
C TRP A 221 -7.93 -18.15 10.82
N LYS A 222 -9.17 -18.13 10.35
CA LYS A 222 -10.35 -17.91 11.22
C LYS A 222 -10.39 -18.99 12.30
N GLU A 223 -9.85 -20.18 12.01
CA GLU A 223 -9.81 -21.31 12.96
C GLU A 223 -8.56 -21.20 13.85
N LYS A 224 -7.80 -20.11 13.76
CA LYS A 224 -6.67 -19.78 14.66
C LYS A 224 -5.63 -20.90 14.64
N LYS A 225 -5.55 -21.64 13.54
CA LYS A 225 -4.52 -22.68 13.34
C LYS A 225 -3.23 -21.93 13.04
N THR A 226 -2.68 -21.28 14.06
CA THR A 226 -1.49 -20.39 13.96
C THR A 226 -0.23 -21.24 13.96
N TYR A 227 -0.37 -22.57 13.90
CA TYR A 227 0.75 -23.53 13.94
C TYR A 227 1.22 -23.81 12.51
N LEU A 228 0.44 -23.38 11.53
CA LEU A 228 0.78 -23.52 10.09
C LEU A 228 1.61 -22.34 9.62
N ASN A 229 2.31 -22.51 8.51
CA ASN A 229 2.83 -21.39 7.71
C ASN A 229 1.62 -20.60 7.24
N PRO A 230 1.75 -19.29 6.96
CA PRO A 230 2.97 -18.54 7.21
C PRO A 230 3.08 -17.98 8.63
N TRP A 231 2.26 -18.50 9.54
CA TRP A 231 2.01 -17.86 10.86
C TRP A 231 3.07 -18.34 11.86
N LYS A 232 3.65 -19.49 11.60
CA LYS A 232 4.61 -20.15 12.53
C LYS A 232 5.98 -19.51 12.33
N LYS A 233 6.13 -18.67 11.31
CA LYS A 233 7.40 -17.97 11.01
C LYS A 233 7.39 -16.58 11.67
N ILE A 234 6.36 -16.30 12.47
CA ILE A 234 6.10 -14.97 13.06
C ILE A 234 6.06 -15.11 14.58
N ASP A 235 6.71 -14.19 15.28
CA ASP A 235 6.86 -14.13 16.75
C ASP A 235 5.49 -13.78 17.34
N SER A 236 5.22 -14.16 18.57
CA SER A 236 3.89 -13.98 19.20
C SER A 236 3.60 -12.49 19.45
N ALA A 237 4.58 -11.59 19.40
CA ALA A 237 4.27 -10.16 19.62
C ALA A 237 3.62 -9.60 18.35
N PRO A 238 4.27 -9.68 17.17
CA PRO A 238 3.64 -9.21 15.94
C PRO A 238 2.48 -10.12 15.58
N LEU A 239 2.54 -11.39 15.95
CA LEU A 239 1.42 -12.30 15.61
C LEU A 239 0.15 -11.81 16.32
N ALA A 240 0.26 -11.21 17.51
CA ALA A 240 -0.90 -10.77 18.32
C ALA A 240 -1.59 -9.62 17.59
N LEU A 241 -0.80 -8.64 17.15
CA LEU A 241 -1.20 -7.50 16.28
C LEU A 241 -2.00 -8.00 15.09
N LEU A 242 -1.46 -8.99 14.36
CA LEU A 242 -2.06 -9.52 13.11
C LEU A 242 -3.45 -10.06 13.43
N HIS A 243 -3.59 -10.88 14.49
CA HIS A 243 -4.90 -11.41 14.98
C HIS A 243 -5.92 -10.27 15.05
N LYS A 244 -5.46 -9.12 15.50
CA LYS A 244 -6.31 -7.92 15.71
C LYS A 244 -6.60 -7.23 14.37
N ILE A 245 -5.75 -7.44 13.36
CA ILE A 245 -5.91 -6.78 12.04
C ILE A 245 -6.77 -7.67 11.14
N LEU A 246 -6.46 -8.95 10.97
CA LEU A 246 -7.24 -9.80 10.03
C LEU A 246 -8.38 -10.50 10.78
N VAL A 247 -9.14 -9.67 11.50
CA VAL A 247 -10.53 -9.93 11.95
C VAL A 247 -11.44 -9.84 10.72
N GLU A 248 -12.46 -10.70 10.59
CA GLU A 248 -13.32 -10.73 9.38
C GLU A 248 -14.42 -9.66 9.44
N ASN A 249 -14.69 -9.08 10.61
CA ASN A 249 -15.78 -8.11 10.75
C ASN A 249 -15.14 -6.75 10.95
N PRO A 250 -15.36 -5.84 9.97
CA PRO A 250 -14.56 -4.64 9.83
C PRO A 250 -14.81 -3.70 11.01
N SER A 251 -15.89 -3.92 11.75
CA SER A 251 -16.25 -3.13 12.95
C SER A 251 -15.56 -3.72 14.17
N ALA A 252 -15.15 -4.98 14.09
CA ALA A 252 -14.40 -5.63 15.18
C ALA A 252 -12.92 -5.32 14.96
N ARG A 253 -12.44 -5.45 13.72
CA ARG A 253 -11.08 -5.10 13.28
C ARG A 253 -10.54 -3.82 13.92
N ILE A 254 -9.32 -3.90 14.43
CA ILE A 254 -8.59 -2.78 15.03
C ILE A 254 -8.52 -1.62 14.04
N THR A 255 -8.58 -0.42 14.61
CA THR A 255 -8.32 0.88 13.95
C THR A 255 -6.85 1.28 14.10
N ILE A 256 -6.45 2.29 13.33
CA ILE A 256 -5.04 2.77 13.29
C ILE A 256 -4.69 3.44 14.61
N PRO A 257 -5.56 4.32 15.19
CA PRO A 257 -5.32 4.86 16.52
C PRO A 257 -4.93 3.78 17.53
N ASP A 258 -5.52 2.58 17.42
CA ASP A 258 -5.39 1.47 18.38
C ASP A 258 -4.23 0.54 18.00
N ILE A 259 -3.87 0.46 16.71
CA ILE A 259 -2.61 -0.21 16.28
C ILE A 259 -1.43 0.59 16.84
N LYS A 260 -1.57 1.91 16.95
CA LYS A 260 -0.51 2.74 17.56
C LYS A 260 -0.32 2.34 19.04
N LYS A 261 -1.30 1.68 19.67
CA LYS A 261 -1.22 1.24 21.10
C LYS A 261 -0.59 -0.15 21.24
N ASP A 262 -0.78 -1.02 20.23
CA ASP A 262 -0.37 -2.45 20.21
C ASP A 262 1.04 -2.67 20.75
N ARG A 263 1.25 -3.76 21.47
CA ARG A 263 2.53 -4.01 22.18
C ARG A 263 3.66 -4.09 21.15
N TRP A 264 3.50 -4.86 20.07
CA TRP A 264 4.54 -5.06 19.05
C TRP A 264 4.92 -3.73 18.41
N TYR A 265 3.91 -2.89 18.22
CA TYR A 265 4.02 -1.63 17.46
C TYR A 265 4.93 -0.68 18.25
N ASN A 266 4.93 -0.79 19.59
CA ASN A 266 5.72 0.10 20.49
C ASN A 266 6.89 -0.66 21.13
N LYS A 267 7.18 -1.88 20.68
CA LYS A 267 8.33 -2.72 21.14
C LYS A 267 9.62 -2.18 20.56
N PRO A 268 10.61 -1.77 21.38
CA PRO A 268 11.89 -1.30 20.88
C PRO A 268 12.70 -2.42 20.21
N LEU A 269 13.06 -2.21 18.93
CA LEU A 269 13.76 -3.19 18.06
C LEU A 269 14.83 -2.49 17.22
N LYS A 270 14.51 -1.31 16.65
CA LYS A 270 15.24 -0.71 15.48
C LYS A 270 16.17 0.45 15.89
N LYS A 271 17.46 0.32 15.56
CA LYS A 271 18.51 1.37 15.74
C LYS A 271 18.57 2.26 14.50
N9 ADE B . 8.04 2.86 -9.99
C8 ADE B . 6.84 3.50 -10.09
N7 ADE B . 6.82 4.69 -9.54
C5 ADE B . 8.11 4.84 -9.03
C6 ADE B . 8.74 5.88 -8.31
N6 ADE B . 8.12 7.01 -8.00
N1 ADE B . 10.03 5.70 -7.96
C2 ADE B . 10.64 4.55 -8.29
N3 ADE B . 10.15 3.51 -8.95
C4 ADE B . 8.87 3.71 -9.30
S SO4 C . -13.61 18.83 2.60
O1 SO4 C . -12.18 18.93 2.71
O2 SO4 C . -13.94 18.45 1.26
O3 SO4 C . -14.10 17.85 3.53
O4 SO4 C . -14.20 20.11 2.90
#